data_4EQG
#
_entry.id   4EQG
#
_cell.length_a   78.309
_cell.length_b   46.374
_cell.length_c   64.105
_cell.angle_alpha   90.000
_cell.angle_beta   95.020
_cell.angle_gamma   90.000
#
_symmetry.space_group_name_H-M   'C 1 2 1'
#
loop_
_entity.id
_entity.type
_entity.pdbx_description
1 polymer 'Histidine triad nucleotide-binding protein 1'
2 non-polymer "'5'-O-(N-(L-ALANYL)-SULFAMOYL)ADENOSINE"
3 non-polymer '4-(2-HYDROXYETHYL)-1-PIPERAZINE ETHANESULFONIC ACID'
4 water water
#
_entity_poly.entity_id   1
_entity_poly.type   'polypeptide(L)'
_entity_poly.pdbx_seq_one_letter_code
;SLMADEIAKAQVARPGGDTIFGKIIRKEIPAKIIFEDDRCLAFHDISPQAPTHFLVIPKKHISQISVAEDDDESLLGHLM
IVGKKCAADLGLNKGYRMVVNEGSDGGQSVYHVHLHVLGGRQMHWPPG
;
_entity_poly.pdbx_strand_id   A,B
#
loop_
_chem_comp.id
_chem_comp.type
_chem_comp.name
_chem_comp.formula
A5A non-polymer '5'-O-(N-(L-ALANYL)-SULFAMOYL)ADENOSINE 'C13 H19 N7 O7 S'
EPE non-polymer '4-(2-HYDROXYETHYL)-1-PIPERAZINE ETHANESULFONIC ACID' 'C8 H18 N2 O4 S'
#
# COMPACT_ATOMS: atom_id res chain seq x y z
N PRO A 15 20.77 -6.17 -11.91
CA PRO A 15 20.13 -7.46 -12.18
C PRO A 15 19.29 -7.93 -11.00
N GLY A 16 18.35 -7.09 -10.56
CA GLY A 16 17.54 -7.41 -9.39
C GLY A 16 18.09 -6.78 -8.13
N GLY A 17 19.27 -6.18 -8.23
CA GLY A 17 19.83 -5.45 -7.12
C GLY A 17 20.73 -6.21 -6.15
N ASP A 18 21.42 -5.43 -5.32
CA ASP A 18 22.38 -5.94 -4.35
C ASP A 18 21.80 -5.99 -2.93
N THR A 19 20.63 -6.60 -2.81
CA THR A 19 20.07 -6.89 -1.49
C THR A 19 19.69 -8.35 -1.43
N ILE A 20 19.29 -8.79 -0.26
CA ILE A 20 18.84 -10.16 -0.08
C ILE A 20 17.63 -10.47 -0.98
N PHE A 21 16.80 -9.47 -1.26
CA PHE A 21 15.67 -9.69 -2.15
C PHE A 21 16.13 -9.93 -3.60
N GLY A 22 17.23 -9.29 -4.00
CA GLY A 22 17.84 -9.57 -5.28
C GLY A 22 18.29 -11.02 -5.36
N LYS A 23 18.89 -11.53 -4.29
CA LYS A 23 19.31 -12.92 -4.26
C LYS A 23 18.11 -13.88 -4.39
N ILE A 24 17.00 -13.52 -3.77
CA ILE A 24 15.80 -14.32 -3.85
C ILE A 24 15.25 -14.33 -5.29
N ILE A 25 15.18 -13.17 -5.91
CA ILE A 25 14.78 -13.05 -7.30
C ILE A 25 15.64 -13.89 -8.25
N ARG A 26 16.95 -13.90 -8.01
CA ARG A 26 17.88 -14.63 -8.87
C ARG A 26 17.94 -16.13 -8.53
N LYS A 27 17.16 -16.53 -7.52
CA LYS A 27 17.08 -17.92 -7.03
C LYS A 27 18.37 -18.42 -6.38
N GLU A 28 19.17 -17.48 -5.90
CA GLU A 28 20.45 -17.83 -5.28
C GLU A 28 20.28 -18.30 -3.86
N ILE A 29 19.23 -17.84 -3.20
CA ILE A 29 18.88 -18.37 -1.89
C ILE A 29 17.40 -18.71 -1.88
N PRO A 30 17.02 -19.67 -1.05
CA PRO A 30 15.63 -20.13 -1.10
C PRO A 30 14.63 -19.19 -0.42
N ALA A 31 13.41 -19.28 -0.90
CA ALA A 31 12.24 -18.64 -0.29
C ALA A 31 11.04 -19.48 -0.69
N LYS A 32 9.97 -19.40 0.09
CA LYS A 32 8.76 -20.13 -0.24
CA LYS A 32 8.75 -20.12 -0.23
C LYS A 32 7.92 -19.28 -1.18
N ILE A 33 8.08 -19.53 -2.48
CA ILE A 33 7.45 -18.74 -3.52
C ILE A 33 5.99 -19.11 -3.71
N ILE A 34 5.15 -18.07 -3.72
CA ILE A 34 3.72 -18.20 -3.88
C ILE A 34 3.33 -17.97 -5.34
N PHE A 35 3.97 -17.02 -5.99
CA PHE A 35 3.61 -16.64 -7.36
C PHE A 35 4.77 -15.93 -8.01
N GLU A 36 4.89 -16.08 -9.32
CA GLU A 36 5.91 -15.38 -10.07
C GLU A 36 5.36 -15.04 -11.45
N ASP A 37 5.76 -13.88 -11.98
CA ASP A 37 5.58 -13.63 -13.40
C ASP A 37 6.83 -12.98 -13.96
N ASP A 38 6.70 -12.25 -15.06
CA ASP A 38 7.89 -11.68 -15.70
C ASP A 38 8.41 -10.43 -14.99
N ARG A 39 7.61 -9.88 -14.08
CA ARG A 39 7.96 -8.58 -13.49
C ARG A 39 7.82 -8.51 -11.97
N CYS A 40 7.42 -9.60 -11.32
CA CYS A 40 7.32 -9.59 -9.87
C CYS A 40 7.39 -10.99 -9.29
N LEU A 41 7.52 -11.05 -7.97
CA LEU A 41 7.66 -12.29 -7.24
C LEU A 41 6.95 -12.13 -5.91
N ALA A 42 6.17 -13.13 -5.53
CA ALA A 42 5.51 -13.15 -4.22
C ALA A 42 6.00 -14.36 -3.43
N PHE A 43 6.35 -14.12 -2.17
CA PHE A 43 6.91 -15.18 -1.34
C PHE A 43 6.65 -14.92 0.13
N HIS A 44 6.62 -15.99 0.93
CA HIS A 44 6.32 -15.84 2.35
C HIS A 44 7.46 -15.14 3.06
N ASP A 45 7.13 -14.25 3.98
CA ASP A 45 8.13 -13.55 4.76
C ASP A 45 8.83 -14.51 5.73
N ILE A 46 10.14 -14.36 5.86
CA ILE A 46 10.92 -15.22 6.75
C ILE A 46 10.67 -14.94 8.25
N SER A 47 10.17 -13.75 8.55
CA SER A 47 9.83 -13.37 9.92
CA SER A 47 9.83 -13.38 9.92
C SER A 47 8.36 -12.97 9.98
N PRO A 48 7.45 -13.95 9.87
CA PRO A 48 6.03 -13.62 9.76
C PRO A 48 5.44 -12.98 11.01
N GLN A 49 4.62 -11.96 10.79
CA GLN A 49 3.99 -11.19 11.87
C GLN A 49 2.52 -11.51 12.00
N ALA A 50 2.05 -12.46 11.19
CA ALA A 50 0.66 -12.90 11.23
C ALA A 50 0.62 -14.32 10.69
N PRO A 51 -0.47 -15.06 10.90
CA PRO A 51 -0.51 -16.45 10.42
C PRO A 51 -0.23 -16.57 8.92
N THR A 52 -0.65 -15.56 8.15
CA THR A 52 -0.22 -15.43 6.77
C THR A 52 0.48 -14.09 6.62
N HIS A 53 1.71 -14.12 6.13
CA HIS A 53 2.46 -12.89 5.92
C HIS A 53 3.41 -13.11 4.76
N PHE A 54 3.12 -12.48 3.64
CA PHE A 54 3.97 -12.60 2.47
C PHE A 54 4.32 -11.24 1.89
N LEU A 55 5.26 -11.25 0.95
CA LEU A 55 5.73 -10.06 0.27
C LEU A 55 5.49 -10.19 -1.22
N VAL A 56 5.18 -9.06 -1.86
CA VAL A 56 5.19 -9.00 -3.33
C VAL A 56 6.22 -7.94 -3.70
N ILE A 57 7.19 -8.31 -4.53
CA ILE A 57 8.28 -7.40 -4.89
C ILE A 57 8.45 -7.32 -6.41
N PRO A 58 8.83 -6.14 -6.91
CA PRO A 58 9.12 -6.03 -8.34
C PRO A 58 10.47 -6.68 -8.64
N LYS A 59 10.65 -7.22 -9.83
CA LYS A 59 11.95 -7.70 -10.23
C LYS A 59 12.89 -6.53 -10.55
N LYS A 60 12.32 -5.42 -11.01
CA LYS A 60 13.10 -4.19 -11.19
C LYS A 60 13.57 -3.67 -9.83
N HIS A 61 14.85 -3.33 -9.72
CA HIS A 61 15.35 -2.83 -8.44
C HIS A 61 14.98 -1.36 -8.25
N ILE A 62 13.87 -1.15 -7.57
CA ILE A 62 13.51 0.17 -7.09
C ILE A 62 13.85 0.10 -5.60
N SER A 63 14.74 0.96 -5.14
CA SER A 63 15.25 0.85 -3.77
C SER A 63 14.21 1.16 -2.70
N GLN A 64 13.33 2.12 -3.00
CA GLN A 64 12.33 2.54 -2.04
C GLN A 64 11.25 3.32 -2.77
N ILE A 65 10.04 3.33 -2.20
CA ILE A 65 8.92 3.91 -2.91
C ILE A 65 9.17 5.41 -3.18
N SER A 66 9.94 6.08 -2.33
CA SER A 66 10.18 7.51 -2.51
C SER A 66 10.92 7.85 -3.81
N VAL A 67 11.59 6.86 -4.39
CA VAL A 67 12.30 7.10 -5.65
C VAL A 67 11.61 6.47 -6.86
N ALA A 68 10.41 5.93 -6.66
CA ALA A 68 9.67 5.35 -7.78
C ALA A 68 9.35 6.44 -8.79
N GLU A 69 9.48 6.10 -10.07
CA GLU A 69 9.21 7.03 -11.16
C GLU A 69 7.76 6.95 -11.63
N ASP A 70 7.29 7.99 -12.30
CA ASP A 70 5.94 8.00 -12.83
C ASP A 70 5.68 6.80 -13.73
N ASP A 71 6.69 6.42 -14.51
CA ASP A 71 6.58 5.29 -15.43
C ASP A 71 6.39 3.96 -14.71
N ASP A 72 6.62 3.95 -13.40
CA ASP A 72 6.46 2.74 -12.59
C ASP A 72 5.04 2.55 -12.08
N GLU A 73 4.12 3.44 -12.42
CA GLU A 73 2.79 3.41 -11.84
CA GLU A 73 2.79 3.41 -11.81
C GLU A 73 2.09 2.06 -12.01
N SER A 74 2.07 1.55 -13.23
CA SER A 74 1.37 0.30 -13.52
CA SER A 74 1.33 0.31 -13.46
C SER A 74 2.02 -0.87 -12.78
N LEU A 75 3.35 -0.87 -12.75
CA LEU A 75 4.09 -1.91 -12.02
C LEU A 75 3.73 -1.93 -10.54
N LEU A 76 3.68 -0.75 -9.91
CA LEU A 76 3.30 -0.68 -8.51
C LEU A 76 1.88 -1.18 -8.29
N GLY A 77 0.97 -0.78 -9.15
CA GLY A 77 -0.39 -1.30 -9.07
C GLY A 77 -0.44 -2.81 -9.29
N HIS A 78 0.43 -3.30 -10.17
CA HIS A 78 0.53 -4.74 -10.40
C HIS A 78 0.90 -5.50 -9.12
N LEU A 79 1.78 -4.92 -8.31
CA LEU A 79 2.12 -5.55 -7.03
C LEU A 79 0.88 -5.71 -6.16
N MET A 80 0.03 -4.69 -6.13
CA MET A 80 -1.19 -4.75 -5.32
CA MET A 80 -1.19 -4.76 -5.32
C MET A 80 -2.22 -5.75 -5.87
N ILE A 81 -2.35 -5.82 -7.20
CA ILE A 81 -3.28 -6.79 -7.79
C ILE A 81 -2.79 -8.23 -7.54
N VAL A 82 -1.49 -8.45 -7.75
CA VAL A 82 -0.92 -9.76 -7.44
C VAL A 82 -1.11 -10.07 -5.93
N GLY A 83 -0.89 -9.07 -5.09
CA GLY A 83 -1.08 -9.25 -3.66
C GLY A 83 -2.50 -9.66 -3.31
N LYS A 84 -3.49 -8.98 -3.88
CA LYS A 84 -4.85 -9.35 -3.53
C LYS A 84 -5.26 -10.72 -4.09
N LYS A 85 -4.73 -11.08 -5.26
CA LYS A 85 -4.99 -12.40 -5.84
C LYS A 85 -4.36 -13.52 -5.00
N CYS A 86 -3.13 -13.28 -4.55
CA CYS A 86 -2.46 -14.26 -3.69
C CYS A 86 -3.17 -14.40 -2.35
N ALA A 87 -3.65 -13.27 -1.82
CA ALA A 87 -4.38 -13.31 -0.55
C ALA A 87 -5.64 -14.17 -0.67
N ALA A 88 -6.35 -14.01 -1.78
CA ALA A 88 -7.52 -14.86 -2.03
C ALA A 88 -7.12 -16.34 -2.14
N ASP A 89 -6.05 -16.61 -2.88
CA ASP A 89 -5.59 -17.98 -3.05
C ASP A 89 -5.16 -18.61 -1.73
N LEU A 90 -4.68 -17.80 -0.80
CA LEU A 90 -4.21 -18.29 0.49
C LEU A 90 -5.35 -18.32 1.52
N GLY A 91 -6.57 -18.05 1.05
CA GLY A 91 -7.75 -18.20 1.88
C GLY A 91 -8.05 -17.09 2.88
N LEU A 92 -7.54 -15.90 2.60
CA LEU A 92 -7.75 -14.75 3.49
C LEU A 92 -9.10 -14.08 3.26
N ASN A 93 -10.17 -14.84 3.47
CA ASN A 93 -11.52 -14.34 3.20
C ASN A 93 -12.11 -13.39 4.25
N LYS A 94 -11.43 -13.24 5.38
CA LYS A 94 -11.89 -12.29 6.41
C LYS A 94 -11.16 -10.96 6.32
N GLY A 95 -10.24 -10.84 5.37
CA GLY A 95 -9.52 -9.59 5.17
C GLY A 95 -8.03 -9.68 5.43
N TYR A 96 -7.37 -8.54 5.31
CA TYR A 96 -5.92 -8.49 5.42
C TYR A 96 -5.46 -7.04 5.41
N ARG A 97 -4.16 -6.86 5.58
CA ARG A 97 -3.57 -5.54 5.53
C ARG A 97 -2.38 -5.52 4.59
N MET A 98 -2.31 -4.51 3.73
CA MET A 98 -1.14 -4.30 2.88
C MET A 98 -0.30 -3.17 3.42
N VAL A 99 1.02 -3.32 3.36
CA VAL A 99 1.90 -2.30 3.93
C VAL A 99 3.12 -2.05 3.04
N VAL A 100 3.46 -0.80 2.79
CA VAL A 100 4.76 -0.46 2.22
C VAL A 100 5.49 0.45 3.19
N ASN A 101 6.68 0.04 3.60
CA ASN A 101 7.51 0.86 4.48
C ASN A 101 8.53 1.67 3.72
N GLU A 102 8.67 2.94 4.09
CA GLU A 102 9.69 3.82 3.52
C GLU A 102 10.62 4.39 4.58
N GLY A 103 11.92 4.14 4.40
CA GLY A 103 12.92 4.79 5.23
C GLY A 103 12.95 4.39 6.69
N SER A 104 13.70 5.14 7.48
CA SER A 104 13.90 4.78 8.88
CA SER A 104 13.92 4.85 8.90
C SER A 104 12.61 4.90 9.71
N ASP A 105 11.89 6.01 9.57
CA ASP A 105 10.63 6.14 10.31
C ASP A 105 9.60 5.10 9.88
N GLY A 106 9.64 4.69 8.61
CA GLY A 106 8.71 3.69 8.11
C GLY A 106 9.10 2.27 8.51
N GLY A 107 10.31 2.11 9.04
CA GLY A 107 10.79 0.80 9.45
C GLY A 107 11.15 -0.10 8.27
N GLN A 108 11.57 0.51 7.16
CA GLN A 108 11.90 -0.26 5.97
C GLN A 108 13.14 -1.11 6.24
N SER A 109 12.99 -2.42 6.09
CA SER A 109 14.07 -3.34 6.48
C SER A 109 15.06 -3.71 5.37
N VAL A 110 14.62 -3.64 4.11
CA VAL A 110 15.44 -3.97 2.95
C VAL A 110 15.20 -2.89 1.92
N TYR A 111 16.27 -2.38 1.32
CA TYR A 111 16.14 -1.30 0.34
C TYR A 111 15.89 -1.86 -1.06
N HIS A 112 14.76 -2.54 -1.16
CA HIS A 112 14.18 -3.02 -2.41
C HIS A 112 12.70 -2.93 -2.13
N VAL A 113 11.96 -2.16 -2.92
CA VAL A 113 10.52 -1.97 -2.68
CA VAL A 113 10.55 -1.95 -2.59
C VAL A 113 9.81 -3.29 -2.45
N HIS A 114 8.99 -3.37 -1.41
CA HIS A 114 8.24 -4.57 -1.12
C HIS A 114 6.89 -4.26 -0.50
N LEU A 115 5.87 -4.97 -0.97
CA LEU A 115 4.52 -4.85 -0.44
C LEU A 115 4.27 -6.02 0.53
N HIS A 116 4.04 -5.73 1.80
CA HIS A 116 3.66 -6.74 2.78
C HIS A 116 2.18 -7.01 2.65
N VAL A 117 1.79 -8.28 2.81
CA VAL A 117 0.38 -8.64 2.93
C VAL A 117 0.26 -9.53 4.16
N LEU A 118 -0.54 -9.10 5.12
CA LEU A 118 -0.70 -9.80 6.39
C LEU A 118 -2.15 -10.13 6.68
N GLY A 119 -2.42 -11.34 7.14
CA GLY A 119 -3.77 -11.71 7.50
C GLY A 119 -3.80 -12.99 8.33
N GLY A 120 -5.01 -13.49 8.56
CA GLY A 120 -5.17 -14.68 9.38
C GLY A 120 -5.33 -14.38 10.85
N ARG A 121 -5.33 -13.09 11.20
CA ARG A 121 -5.65 -12.63 12.54
C ARG A 121 -6.21 -11.24 12.42
N GLN A 122 -6.84 -10.76 13.48
CA GLN A 122 -7.24 -9.37 13.51
C GLN A 122 -6.00 -8.47 13.50
N MET A 123 -5.95 -7.55 12.53
CA MET A 123 -4.91 -6.52 12.51
C MET A 123 -5.43 -5.31 13.30
N HIS A 124 -4.54 -4.66 14.04
CA HIS A 124 -4.98 -3.64 14.97
C HIS A 124 -4.68 -2.22 14.50
N TRP A 125 -5.12 -1.24 15.28
CA TRP A 125 -4.98 0.16 14.93
C TRP A 125 -4.48 0.89 16.18
N PRO A 126 -3.42 1.71 16.05
CA PRO A 126 -2.70 2.09 14.83
C PRO A 126 -1.86 0.97 14.21
N PRO A 127 -1.46 1.13 12.94
CA PRO A 127 -0.71 0.10 12.23
C PRO A 127 0.78 0.23 12.51
N GLY A 128 1.13 0.10 13.78
CA GLY A 128 2.48 0.37 14.23
C GLY A 128 2.63 1.81 14.65
N ARG B 14 -23.47 7.75 -8.56
CA ARG B 14 -22.88 9.08 -8.50
C ARG B 14 -21.37 9.02 -8.64
N PRO B 15 -20.78 10.05 -9.27
CA PRO B 15 -19.32 10.08 -9.36
C PRO B 15 -18.76 10.15 -7.95
N GLY B 16 -17.92 9.17 -7.60
CA GLY B 16 -17.31 9.13 -6.29
C GLY B 16 -17.92 8.13 -5.32
N GLY B 17 -19.13 7.65 -5.63
CA GLY B 17 -19.80 6.65 -4.80
C GLY B 17 -20.56 7.21 -3.60
N ASP B 18 -21.13 6.29 -2.81
CA ASP B 18 -22.05 6.67 -1.74
C ASP B 18 -21.41 6.89 -0.36
N THR B 19 -20.15 6.48 -0.19
CA THR B 19 -19.54 6.59 1.12
C THR B 19 -19.22 8.03 1.44
N ILE B 20 -18.78 8.26 2.67
CA ILE B 20 -18.37 9.59 3.07
CA ILE B 20 -18.35 9.56 3.10
C ILE B 20 -17.23 10.10 2.18
N PHE B 21 -16.44 9.20 1.61
CA PHE B 21 -15.36 9.63 0.71
C PHE B 21 -15.93 10.19 -0.61
N GLY B 22 -17.05 9.65 -1.07
CA GLY B 22 -17.73 10.23 -2.22
C GLY B 22 -18.23 11.63 -1.93
N LYS B 23 -18.75 11.84 -0.73
CA LYS B 23 -19.17 13.16 -0.29
C LYS B 23 -17.99 14.14 -0.31
N ILE B 24 -16.84 13.66 0.14
CA ILE B 24 -15.61 14.47 0.13
C ILE B 24 -15.19 14.80 -1.31
N ILE B 25 -15.20 13.78 -2.19
CA ILE B 25 -14.88 13.99 -3.60
C ILE B 25 -15.75 15.07 -4.25
N ARG B 26 -17.05 15.06 -3.95
CA ARG B 26 -17.97 16.01 -4.56
C ARG B 26 -18.08 17.34 -3.78
N LYS B 27 -17.23 17.53 -2.79
CA LYS B 27 -17.15 18.76 -1.99
C LYS B 27 -18.45 19.00 -1.20
N GLU B 28 -19.14 17.93 -0.84
CA GLU B 28 -20.39 18.01 -0.08
C GLU B 28 -20.14 18.03 1.42
N ILE B 29 -19.01 17.47 1.83
CA ILE B 29 -18.54 17.62 3.20
C ILE B 29 -17.08 18.04 3.14
N PRO B 30 -16.63 18.80 4.15
CA PRO B 30 -15.30 19.41 4.09
C PRO B 30 -14.17 18.43 4.34
N ALA B 31 -13.02 18.74 3.76
CA ALA B 31 -11.82 17.98 4.00
C ALA B 31 -10.63 18.92 3.84
N LYS B 32 -9.50 18.53 4.44
CA LYS B 32 -8.27 19.29 4.29
C LYS B 32 -7.47 18.63 3.17
N ILE B 33 -7.62 19.19 1.98
CA ILE B 33 -7.08 18.57 0.78
CA ILE B 33 -7.09 18.60 0.76
C ILE B 33 -5.63 18.97 0.55
N ILE B 34 -4.84 17.96 0.19
CA ILE B 34 -3.41 18.13 -0.06
C ILE B 34 -3.13 18.16 -1.56
N PHE B 35 -3.85 17.32 -2.30
CA PHE B 35 -3.63 17.18 -3.74
C PHE B 35 -4.89 16.63 -4.40
N GLU B 36 -5.14 17.09 -5.63
CA GLU B 36 -6.30 16.62 -6.37
C GLU B 36 -5.94 16.58 -7.85
N ASP B 37 -6.27 15.46 -8.49
CA ASP B 37 -6.26 15.41 -9.95
C ASP B 37 -7.50 14.68 -10.47
N ASP B 38 -7.51 14.34 -11.76
CA ASP B 38 -8.69 13.70 -12.35
C ASP B 38 -8.92 12.28 -11.85
N ARG B 39 -7.89 11.67 -11.27
CA ARG B 39 -7.98 10.27 -10.85
CA ARG B 39 -7.94 10.27 -10.85
C ARG B 39 -8.06 10.07 -9.35
N CYS B 40 -7.61 11.06 -8.58
CA CYS B 40 -7.54 10.83 -7.14
C CYS B 40 -7.52 12.09 -6.32
N LEU B 41 -7.57 11.91 -5.02
CA LEU B 41 -7.66 12.99 -4.06
C LEU B 41 -6.89 12.56 -2.82
N ALA B 42 -6.06 13.47 -2.29
CA ALA B 42 -5.32 13.22 -1.05
C ALA B 42 -5.76 14.24 -0.01
N PHE B 43 -6.08 13.76 1.20
CA PHE B 43 -6.58 14.66 2.24
C PHE B 43 -6.21 14.12 3.61
N HIS B 44 -6.13 15.00 4.61
CA HIS B 44 -5.74 14.59 5.95
C HIS B 44 -6.80 13.76 6.66
N ASP B 45 -6.35 12.75 7.40
CA ASP B 45 -7.25 11.92 8.19
C ASP B 45 -7.75 12.67 9.42
N ILE B 46 -9.04 12.58 9.71
CA ILE B 46 -9.67 13.25 10.85
CA ILE B 46 -9.58 13.31 10.87
C ILE B 46 -9.27 12.64 12.20
N SER B 47 -8.75 11.41 12.16
CA SER B 47 -8.31 10.74 13.38
CA SER B 47 -8.32 10.73 13.37
C SER B 47 -6.88 10.26 13.18
N PRO B 48 -5.93 11.20 13.17
CA PRO B 48 -4.55 10.84 12.82
C PRO B 48 -3.90 9.91 13.83
N GLN B 49 -3.16 8.92 13.32
CA GLN B 49 -2.49 7.94 14.15
C GLN B 49 -0.98 8.20 14.19
N ALA B 50 -0.57 9.27 13.54
CA ALA B 50 0.82 9.72 13.53
C ALA B 50 0.79 11.24 13.35
N PRO B 51 1.90 11.92 13.60
CA PRO B 51 1.87 13.38 13.50
C PRO B 51 1.41 13.86 12.12
N THR B 52 1.79 13.12 11.07
CA THR B 52 1.19 13.33 9.75
C THR B 52 0.47 12.03 9.36
N HIS B 53 -0.79 12.14 8.97
CA HIS B 53 -1.56 10.97 8.57
C HIS B 53 -2.60 11.44 7.55
N PHE B 54 -2.41 11.02 6.30
CA PHE B 54 -3.34 11.39 5.24
C PHE B 54 -3.76 10.18 4.43
N LEU B 55 -4.79 10.36 3.59
CA LEU B 55 -5.34 9.31 2.76
C LEU B 55 -5.24 9.71 1.31
N VAL B 56 -4.97 8.73 0.45
CA VAL B 56 -5.08 8.93 -0.99
C VAL B 56 -6.15 7.99 -1.51
N ILE B 57 -7.16 8.55 -2.18
CA ILE B 57 -8.28 7.77 -2.64
C ILE B 57 -8.54 7.98 -4.13
N PRO B 58 -9.04 6.94 -4.82
CA PRO B 58 -9.41 7.12 -6.21
C PRO B 58 -10.73 7.87 -6.31
N LYS B 59 -10.92 8.66 -7.36
CA LYS B 59 -12.21 9.28 -7.57
C LYS B 59 -13.24 8.26 -8.09
N LYS B 60 -12.77 7.23 -8.79
CA LYS B 60 -13.61 6.09 -9.15
C LYS B 60 -13.89 5.26 -7.90
N HIS B 61 -15.16 4.99 -7.61
CA HIS B 61 -15.45 4.12 -6.47
C HIS B 61 -15.06 2.67 -6.74
N ILE B 62 -14.17 2.15 -5.89
CA ILE B 62 -13.86 0.74 -5.79
C ILE B 62 -14.05 0.46 -4.31
N SER B 63 -14.83 -0.56 -3.95
CA SER B 63 -15.20 -0.73 -2.55
C SER B 63 -14.04 -1.14 -1.65
N GLN B 64 -13.14 -1.97 -2.17
CA GLN B 64 -12.06 -2.54 -1.38
C GLN B 64 -11.08 -3.20 -2.33
N ILE B 65 -9.84 -3.37 -1.89
CA ILE B 65 -8.81 -3.88 -2.79
C ILE B 65 -9.13 -5.28 -3.29
N SER B 66 -9.84 -6.07 -2.49
CA SER B 66 -10.13 -7.45 -2.89
C SER B 66 -11.02 -7.56 -4.14
N VAL B 67 -11.72 -6.48 -4.49
CA VAL B 67 -12.55 -6.50 -5.69
C VAL B 67 -12.02 -5.60 -6.83
N ALA B 68 -10.81 -5.08 -6.68
CA ALA B 68 -10.21 -4.30 -7.75
C ALA B 68 -10.01 -5.17 -9.00
N GLU B 69 -10.20 -4.57 -10.16
CA GLU B 69 -10.07 -5.29 -11.43
C GLU B 69 -8.65 -5.18 -11.97
N ASP B 70 -8.27 -6.08 -12.87
CA ASP B 70 -6.93 -6.03 -13.45
C ASP B 70 -6.66 -4.67 -14.09
N ASP B 71 -7.69 -4.08 -14.69
CA ASP B 71 -7.52 -2.80 -15.38
C ASP B 71 -7.39 -1.62 -14.43
N ASP B 72 -7.53 -1.88 -13.14
CA ASP B 72 -7.33 -0.83 -12.12
C ASP B 72 -5.87 -0.68 -11.72
N GLU B 73 -4.96 -1.42 -12.35
CA GLU B 73 -3.55 -1.38 -11.95
C GLU B 73 -2.93 0.01 -11.98
N SER B 74 -3.08 0.72 -13.09
CA SER B 74 -2.46 2.03 -13.19
CA SER B 74 -2.47 2.04 -13.20
C SER B 74 -3.01 2.97 -12.13
N LEU B 75 -4.33 2.90 -11.89
CA LEU B 75 -4.96 3.76 -10.89
C LEU B 75 -4.42 3.48 -9.49
N LEU B 76 -4.32 2.20 -9.14
CA LEU B 76 -3.79 1.83 -7.85
C LEU B 76 -2.34 2.28 -7.66
N GLY B 77 -1.52 2.07 -8.68
CA GLY B 77 -0.16 2.57 -8.67
C GLY B 77 -0.11 4.09 -8.56
N HIS B 78 -1.03 4.77 -9.22
CA HIS B 78 -1.11 6.22 -9.13
C HIS B 78 -1.37 6.67 -7.70
N LEU B 79 -2.21 5.95 -6.96
CA LEU B 79 -2.38 6.29 -5.55
C LEU B 79 -1.05 6.29 -4.79
N MET B 80 -0.20 5.30 -5.06
CA MET B 80 1.09 5.20 -4.38
CA MET B 80 1.08 5.21 -4.37
C MET B 80 2.06 6.31 -4.80
N ILE B 81 2.07 6.61 -6.10
CA ILE B 81 2.94 7.67 -6.59
C ILE B 81 2.51 9.02 -6.01
N VAL B 82 1.20 9.28 -6.00
CA VAL B 82 0.69 10.49 -5.37
C VAL B 82 0.99 10.51 -3.86
N GLY B 83 0.84 9.36 -3.21
CA GLY B 83 1.18 9.24 -1.79
C GLY B 83 2.62 9.62 -1.50
N LYS B 84 3.54 9.10 -2.31
CA LYS B 84 4.94 9.40 -2.04
C LYS B 84 5.28 10.85 -2.39
N LYS B 85 4.63 11.40 -3.42
CA LYS B 85 4.88 12.81 -3.74
C LYS B 85 4.35 13.75 -2.67
N CYS B 86 3.15 13.46 -2.16
CA CYS B 86 2.59 14.27 -1.09
C CYS B 86 3.43 14.16 0.18
N ALA B 87 3.93 12.97 0.48
CA ALA B 87 4.78 12.78 1.64
C ALA B 87 6.02 13.66 1.54
N ALA B 88 6.62 13.72 0.35
CA ALA B 88 7.80 14.57 0.15
C ALA B 88 7.43 16.03 0.31
N ASP B 89 6.30 16.42 -0.26
CA ASP B 89 5.86 17.81 -0.19
C ASP B 89 5.51 18.23 1.24
N LEU B 90 5.12 17.25 2.06
CA LEU B 90 4.83 17.50 3.47
C LEU B 90 6.06 17.36 4.36
N GLY B 91 7.22 17.13 3.75
CA GLY B 91 8.46 17.12 4.51
C GLY B 91 8.71 15.86 5.33
N LEU B 92 8.14 14.74 4.92
CA LEU B 92 8.37 13.46 5.61
C LEU B 92 9.68 12.81 5.14
N ASN B 93 10.76 13.54 5.34
CA ASN B 93 12.07 13.16 4.85
C ASN B 93 12.70 11.96 5.59
N LYS B 94 12.20 11.64 6.78
CA LYS B 94 12.74 10.51 7.53
C LYS B 94 12.00 9.23 7.23
N GLY B 95 10.94 9.30 6.43
CA GLY B 95 10.20 8.12 6.02
C GLY B 95 8.74 8.13 6.43
N TYR B 96 8.07 7.03 6.11
CA TYR B 96 6.63 6.93 6.34
C TYR B 96 6.18 5.50 6.06
N ARG B 97 4.93 5.21 6.40
CA ARG B 97 4.34 3.92 6.15
C ARG B 97 3.05 4.09 5.36
N MET B 98 2.90 3.27 4.33
CA MET B 98 1.68 3.25 3.52
C MET B 98 0.89 2.01 3.90
N VAL B 99 -0.43 2.13 4.03
CA VAL B 99 -1.25 1.01 4.48
C VAL B 99 -2.55 0.95 3.69
N VAL B 100 -2.92 -0.25 3.23
CA VAL B 100 -4.27 -0.48 2.75
C VAL B 100 -4.93 -1.53 3.63
N ASN B 101 -6.10 -1.20 4.17
CA ASN B 101 -6.87 -2.12 5.00
C ASN B 101 -7.96 -2.78 4.18
N GLU B 102 -8.08 -4.09 4.30
CA GLU B 102 -9.12 -4.85 3.60
C GLU B 102 -10.00 -5.63 4.58
N GLY B 103 -11.29 -5.33 4.57
CA GLY B 103 -12.26 -6.13 5.30
C GLY B 103 -12.14 -6.11 6.81
N SER B 104 -12.76 -7.08 7.46
CA SER B 104 -12.86 -7.10 8.91
C SER B 104 -11.51 -7.26 9.58
N ASP B 105 -10.73 -8.25 9.16
CA ASP B 105 -9.41 -8.49 9.74
C ASP B 105 -8.44 -7.35 9.45
N GLY B 106 -8.68 -6.61 8.37
CA GLY B 106 -7.83 -5.47 8.05
C GLY B 106 -8.23 -4.22 8.81
N GLY B 107 -9.39 -4.25 9.45
CA GLY B 107 -9.89 -3.09 10.16
C GLY B 107 -10.43 -2.00 9.24
N GLN B 108 -10.94 -2.39 8.08
CA GLN B 108 -11.51 -1.42 7.16
C GLN B 108 -12.87 -0.90 7.65
N SER B 109 -13.02 0.42 7.78
CA SER B 109 -14.29 0.97 8.25
C SER B 109 -15.04 1.74 7.16
N VAL B 110 -14.34 2.15 6.13
CA VAL B 110 -14.95 2.83 4.99
C VAL B 110 -14.68 2.01 3.74
N TYR B 111 -15.76 1.54 3.10
CA TYR B 111 -15.63 0.69 1.92
C TYR B 111 -15.53 1.48 0.61
N HIS B 112 -14.44 2.24 0.54
CA HIS B 112 -13.99 2.93 -0.65
C HIS B 112 -12.49 2.77 -0.54
N VAL B 113 -11.86 2.15 -1.52
CA VAL B 113 -10.42 1.86 -1.46
CA VAL B 113 -10.45 1.83 -1.37
C VAL B 113 -9.62 3.10 -1.12
N HIS B 114 -8.66 2.97 -0.21
CA HIS B 114 -7.85 4.13 0.16
C HIS B 114 -6.49 3.71 0.68
N LEU B 115 -5.50 4.56 0.43
CA LEU B 115 -4.15 4.34 0.91
C LEU B 115 -3.86 5.30 2.07
N HIS B 116 -3.56 4.77 3.23
CA HIS B 116 -3.10 5.59 4.36
C HIS B 116 -1.63 5.89 4.18
N VAL B 117 -1.21 7.11 4.50
CA VAL B 117 0.21 7.44 4.58
C VAL B 117 0.46 8.07 5.95
N LEU B 118 1.32 7.44 6.75
CA LEU B 118 1.59 7.88 8.12
C LEU B 118 3.08 8.19 8.30
N GLY B 119 3.39 9.31 8.94
CA GLY B 119 4.78 9.62 9.23
C GLY B 119 4.92 10.66 10.32
N GLY B 120 6.15 11.11 10.51
CA GLY B 120 6.45 12.11 11.52
C GLY B 120 6.76 11.53 12.89
N ARG B 121 6.83 10.21 12.95
CA ARG B 121 7.30 9.51 14.16
C ARG B 121 7.83 8.16 13.71
N GLN B 122 8.57 7.51 14.60
CA GLN B 122 8.99 6.14 14.34
C GLN B 122 7.76 5.23 14.31
N MET B 123 7.60 4.49 13.22
CA MET B 123 6.57 3.47 13.14
C MET B 123 7.15 2.14 13.64
N HIS B 124 6.31 1.36 14.30
CA HIS B 124 6.77 0.14 14.96
C HIS B 124 6.37 -1.11 14.18
N TRP B 125 6.96 -2.23 14.58
CA TRP B 125 6.65 -3.51 13.95
C TRP B 125 6.17 -4.45 15.06
N PRO B 126 5.11 -5.24 14.80
CA PRO B 126 4.37 -5.39 13.55
C PRO B 126 3.48 -4.19 13.27
N PRO B 127 2.98 -4.07 12.05
CA PRO B 127 2.16 -2.92 11.67
C PRO B 127 0.70 -3.16 12.07
N GLY B 128 0.46 -3.27 13.38
CA GLY B 128 -0.82 -3.69 13.91
C GLY B 128 -0.91 -5.19 14.01
N A5A C . -9.17 1.08 11.85
CA A5A C . -10.21 1.80 11.14
CB A5A C . -10.60 3.09 11.88
C A5A C . -9.69 2.12 9.78
O A5A C . -8.49 2.32 9.60
N3S A5A C . -10.60 2.18 8.82
S A5A C . -10.17 2.48 7.31
O1S A5A C . -9.08 1.67 6.85
O2S A5A C . -11.33 2.35 6.44
O5' A5A C . -9.71 3.94 7.28
C5' A5A C . -10.65 4.97 7.04
C4' A5A C . -10.00 6.25 7.54
O4' A5A C . -10.86 7.32 7.15
C3' A5A C . -9.87 6.31 9.07
O3' A5A C . -8.49 6.48 9.42
C2' A5A C . -10.76 7.49 9.47
O2' A5A C . -10.26 8.29 10.54
C1' A5A C . -10.81 8.29 8.18
N9 A5A C . -12.00 9.15 8.08
C8 A5A C . -13.28 8.82 8.32
N7 A5A C . -14.09 9.88 8.10
C5 A5A C . -13.31 10.90 7.67
C6 A5A C . -13.53 12.30 7.27
N6 A5A C . -14.79 12.80 7.26
N1 A5A C . -12.45 13.01 6.91
C2 A5A C . -11.19 12.49 6.92
N3 A5A C . -10.92 11.21 7.28
C4 A5A C . -11.93 10.41 7.66
N1 EPE D . -18.45 4.87 8.80
C2 EPE D . -18.72 6.31 8.98
C6 EPE D . -17.08 4.57 9.23
C9 EPE D . -18.62 4.54 7.39
C10 EPE D . -19.40 5.67 6.72
S EPE D . -19.80 5.28 5.15
O1S EPE D . -19.84 3.87 4.98
O2S EPE D . -18.70 5.95 4.16
O3S EPE D . -21.09 5.83 4.87
#